data_1QFA
#
_entry.id   1QFA
#
_cell.length_a   1.000
_cell.length_b   1.000
_cell.length_c   1.000
_cell.angle_alpha   90.00
_cell.angle_beta   90.00
_cell.angle_gamma   90.00
#
_symmetry.space_group_name_H-M   'P 1'
#
_entity_poly.entity_id   1
_entity_poly.type   'polypeptide(L)'
_entity_poly.pdbx_seq_one_letter_code
;(ACE)LRHYLNLLTRQRY(NH2)
;
_entity_poly.pdbx_strand_id   A
#
loop_
_chem_comp.id
_chem_comp.type
_chem_comp.name
_chem_comp.formula
ACE non-polymer 'ACETYL GROUP' 'C2 H4 O'
NH2 non-polymer 'AMINO GROUP' 'H2 N'
#
# COMPACT_ATOMS: atom_id res chain seq x y z
C ACE A 1 9.58 0.54 0.98
O ACE A 1 8.83 -0.23 0.41
CH3 ACE A 1 10.84 1.03 0.29
H1 ACE A 1 11.54 0.21 0.20
H2 ACE A 1 11.32 1.81 0.87
H3 ACE A 1 10.60 1.39 -0.69
N LEU A 2 9.35 0.98 2.19
CA LEU A 2 8.15 0.57 2.97
C LEU A 2 6.85 0.90 2.25
N ARG A 3 7.01 1.62 1.19
CA ARG A 3 5.84 2.04 0.37
C ARG A 3 5.39 0.71 -0.22
N HIS A 4 6.36 -0.07 -0.62
CA HIS A 4 6.07 -1.40 -1.20
C HIS A 4 5.01 -2.15 -0.36
N TYR A 5 4.91 -1.76 0.88
CA TYR A 5 3.93 -2.39 1.79
C TYR A 5 2.86 -1.44 2.35
N LEU A 6 3.16 -0.17 2.43
CA LEU A 6 2.18 0.82 2.96
C LEU A 6 1.39 1.36 1.79
N ASN A 7 2.14 1.49 0.76
CA ASN A 7 1.58 2.02 -0.50
C ASN A 7 0.86 0.87 -1.17
N LEU A 8 1.43 -0.29 -1.14
CA LEU A 8 0.72 -1.44 -1.78
C LEU A 8 -0.58 -1.60 -0.96
N LEU A 9 -0.49 -1.22 0.29
CA LEU A 9 -1.66 -1.32 1.21
C LEU A 9 -2.70 -0.29 0.80
N THR A 10 -2.26 0.80 0.24
CA THR A 10 -3.28 1.81 -0.16
C THR A 10 -3.81 1.32 -1.51
N ARG A 11 -2.92 0.79 -2.32
CA ARG A 11 -3.33 0.27 -3.65
C ARG A 11 -4.29 -0.91 -3.45
N GLN A 12 -4.20 -1.55 -2.32
CA GLN A 12 -5.11 -2.71 -2.06
C GLN A 12 -6.27 -2.37 -1.11
N ARG A 13 -6.05 -1.46 -0.19
CA ARG A 13 -7.15 -1.09 0.77
C ARG A 13 -7.85 0.22 0.41
N TYR A 14 -7.14 1.18 -0.12
CA TYR A 14 -7.79 2.47 -0.48
C TYR A 14 -8.22 2.31 -1.95
N NH2 A 15 -8.95 1.28 -2.21
HN1 NH2 A 15 -9.19 0.66 -1.48
HN2 NH2 A 15 -9.25 1.11 -3.12
C ACE A 1 9.37 -0.05 0.84
O ACE A 1 8.43 -0.76 0.52
CH3 ACE A 1 10.64 -0.02 0.00
H1 ACE A 1 10.75 0.94 -0.48
H2 ACE A 1 10.58 -0.79 -0.76
H3 ACE A 1 11.50 -0.21 0.63
N LEU A 2 9.35 0.72 1.88
CA LEU A 2 8.15 0.77 2.78
C LEU A 2 6.89 1.16 2.05
N ARG A 3 7.08 1.64 0.86
CA ARG A 3 5.90 2.05 0.05
C ARG A 3 5.29 0.73 -0.37
N HIS A 4 6.14 -0.20 -0.67
CA HIS A 4 5.67 -1.54 -1.11
C HIS A 4 4.73 -2.16 -0.05
N TYR A 5 4.69 -1.55 1.11
CA TYR A 5 3.79 -2.08 2.17
C TYR A 5 2.85 -1.03 2.76
N LEU A 6 3.24 0.20 2.67
CA LEU A 6 2.39 1.31 3.22
C LEU A 6 1.52 1.75 2.06
N ASN A 7 2.15 1.73 0.93
CA ASN A 7 1.43 2.14 -0.28
C ASN A 7 0.78 0.97 -0.97
N LEU A 8 1.46 -0.13 -1.12
CA LEU A 8 0.81 -1.29 -1.81
C LEU A 8 -0.50 -1.59 -1.08
N LEU A 9 -0.43 -1.30 0.18
CA LEU A 9 -1.58 -1.51 1.09
C LEU A 9 -2.63 -0.47 0.80
N THR A 10 -2.23 0.74 0.55
CA THR A 10 -3.28 1.75 0.28
C THR A 10 -3.82 1.49 -1.13
N ARG A 11 -3.03 0.92 -2.01
CA ARG A 11 -3.57 0.67 -3.38
C ARG A 11 -4.40 -0.61 -3.37
N GLN A 12 -4.08 -1.53 -2.50
CA GLN A 12 -4.90 -2.78 -2.47
C GLN A 12 -6.05 -2.57 -1.49
N ARG A 13 -5.87 -1.65 -0.56
CA ARG A 13 -6.96 -1.39 0.43
C ARG A 13 -7.73 -0.13 0.06
N TYR A 14 -7.08 0.97 -0.17
CA TYR A 14 -7.80 2.20 -0.52
C TYR A 14 -7.81 2.13 -2.05
N NH2 A 15 -8.34 1.04 -2.56
HN1 NH2 A 15 -8.72 0.37 -1.97
HN2 NH2 A 15 -8.38 0.91 -3.52
C ACE A 1 9.75 0.31 1.46
O ACE A 1 9.08 -0.58 0.96
CH3 ACE A 1 11.10 0.71 0.89
H1 ACE A 1 11.88 0.42 1.59
H2 ACE A 1 11.13 1.77 0.72
H3 ACE A 1 11.25 0.18 -0.04
N LEU A 2 9.31 0.99 2.49
CA LEU A 2 8.00 0.68 3.13
C LEU A 2 6.84 1.00 2.22
N ARG A 3 7.15 1.57 1.10
CA ARG A 3 6.06 1.93 0.14
C ARG A 3 5.57 0.61 -0.42
N HIS A 4 6.47 -0.34 -0.45
CA HIS A 4 6.08 -1.66 -0.97
C HIS A 4 4.93 -2.18 -0.08
N TYR A 5 4.80 -1.59 1.08
CA TYR A 5 3.72 -2.02 2.03
C TYR A 5 2.78 -0.85 2.40
N LEU A 6 3.19 0.36 2.16
CA LEU A 6 2.32 1.51 2.52
C LEU A 6 1.48 1.77 1.30
N ASN A 7 2.14 1.61 0.20
CA ASN A 7 1.47 1.84 -1.10
C ASN A 7 0.81 0.57 -1.61
N LEU A 8 1.46 -0.55 -1.47
CA LEU A 8 0.83 -1.81 -1.97
C LEU A 8 -0.45 -2.05 -1.17
N LEU A 9 -0.43 -1.48 0.01
CA LEU A 9 -1.59 -1.63 0.91
C LEU A 9 -2.58 -0.52 0.68
N THR A 10 -2.16 0.71 0.51
CA THR A 10 -3.24 1.71 0.31
C THR A 10 -3.83 1.53 -1.09
N ARG A 11 -3.06 1.00 -2.01
CA ARG A 11 -3.64 0.83 -3.38
C ARG A 11 -4.50 -0.43 -3.46
N GLN A 12 -4.43 -1.25 -2.44
CA GLN A 12 -5.25 -2.49 -2.44
C GLN A 12 -6.31 -2.39 -1.32
N ARG A 13 -6.02 -1.53 -0.36
CA ARG A 13 -6.94 -1.32 0.80
C ARG A 13 -7.78 -0.08 0.54
N TYR A 14 -7.19 1.02 0.16
CA TYR A 14 -8.01 2.24 -0.08
C TYR A 14 -8.33 2.13 -1.57
N NH2 A 15 -8.82 1.00 -1.97
HN1 NH2 A 15 -8.97 0.28 -1.32
HN2 NH2 A 15 -9.04 0.86 -2.91
C ACE A 1 9.53 0.11 1.51
O ACE A 1 8.68 -0.63 1.03
CH3 ACE A 1 10.90 0.24 0.85
H1 ACE A 1 11.18 -0.73 0.44
H2 ACE A 1 11.63 0.53 1.57
H3 ACE A 1 10.84 0.96 0.06
N LEU A 2 9.31 0.82 2.58
CA LEU A 2 8.01 0.76 3.30
C LEU A 2 6.83 1.02 2.39
N ARG A 3 7.15 1.65 1.32
CA ARG A 3 6.11 1.99 0.31
C ARG A 3 5.68 0.66 -0.24
N HIS A 4 6.63 -0.20 -0.46
CA HIS A 4 6.31 -1.54 -1.00
C HIS A 4 5.11 -2.15 -0.24
N TYR A 5 4.96 -1.72 0.98
CA TYR A 5 3.85 -2.23 1.84
C TYR A 5 2.83 -1.16 2.21
N LEU A 6 3.19 0.09 2.17
CA LEU A 6 2.27 1.19 2.52
C LEU A 6 1.57 1.67 1.24
N ASN A 7 2.41 1.65 0.24
CA ASN A 7 2.00 2.08 -1.12
C ASN A 7 1.31 0.95 -1.85
N LEU A 8 1.60 -0.25 -1.45
CA LEU A 8 0.96 -1.42 -2.07
C LEU A 8 -0.31 -1.68 -1.26
N LEU A 9 -0.36 -1.09 -0.09
CA LEU A 9 -1.55 -1.29 0.79
C LEU A 9 -2.60 -0.25 0.51
N THR A 10 -2.26 1.00 0.42
CA THR A 10 -3.38 1.95 0.15
C THR A 10 -4.04 1.56 -1.20
N ARG A 11 -3.24 0.94 -2.02
CA ARG A 11 -3.76 0.52 -3.36
C ARG A 11 -4.58 -0.78 -3.32
N GLN A 12 -4.46 -1.51 -2.24
CA GLN A 12 -5.23 -2.78 -2.11
C GLN A 12 -6.36 -2.59 -1.08
N ARG A 13 -6.14 -1.63 -0.21
CA ARG A 13 -7.11 -1.30 0.85
C ARG A 13 -7.98 -0.07 0.56
N TYR A 14 -7.43 1.03 0.08
CA TYR A 14 -8.32 2.21 -0.20
C TYR A 14 -8.86 2.02 -1.62
N NH2 A 15 -9.36 0.86 -1.90
HN1 NH2 A 15 -9.36 0.16 -1.22
HN2 NH2 A 15 -9.72 0.68 -2.79
C ACE A 1 9.66 0.51 0.84
O ACE A 1 8.91 -0.21 0.22
CH3 ACE A 1 10.92 1.05 0.20
H1 ACE A 1 10.71 2.00 -0.27
H2 ACE A 1 11.26 0.35 -0.56
H3 ACE A 1 11.69 1.17 0.94
N LEU A 2 9.42 0.88 2.08
CA LEU A 2 8.22 0.42 2.84
C LEU A 2 6.92 0.77 2.12
N ARG A 3 7.07 1.55 1.10
CA ARG A 3 5.90 1.97 0.30
C ARG A 3 5.39 0.67 -0.25
N HIS A 4 6.32 -0.16 -0.65
CA HIS A 4 5.97 -1.47 -1.21
C HIS A 4 4.92 -2.19 -0.33
N TYR A 5 4.85 -1.77 0.90
CA TYR A 5 3.89 -2.37 1.86
C TYR A 5 2.84 -1.40 2.41
N LEU A 6 3.15 -0.15 2.52
CA LEU A 6 2.18 0.84 3.05
C LEU A 6 1.42 1.41 1.88
N ASN A 7 2.18 1.54 0.84
CA ASN A 7 1.61 2.10 -0.39
C ASN A 7 0.82 1.00 -1.07
N LEU A 8 1.38 -0.18 -1.08
CA LEU A 8 0.66 -1.32 -1.71
C LEU A 8 -0.63 -1.49 -0.88
N LEU A 9 -0.53 -1.11 0.36
CA LEU A 9 -1.69 -1.21 1.28
C LEU A 9 -2.68 -0.19 0.81
N THR A 10 -2.25 1.00 0.49
CA THR A 10 -3.27 1.98 0.02
C THR A 10 -3.79 1.54 -1.36
N ARG A 11 -2.96 0.83 -2.08
CA ARG A 11 -3.38 0.36 -3.43
C ARG A 11 -4.34 -0.83 -3.34
N GLN A 12 -4.18 -1.64 -2.34
CA GLN A 12 -5.09 -2.81 -2.18
C GLN A 12 -6.19 -2.51 -1.17
N ARG A 13 -5.98 -1.50 -0.35
CA ARG A 13 -7.01 -1.13 0.67
C ARG A 13 -7.81 0.07 0.17
N TYR A 14 -7.18 1.13 -0.29
CA TYR A 14 -7.98 2.28 -0.76
C TYR A 14 -8.22 1.98 -2.23
N NH2 A 15 -8.77 0.84 -2.51
HN1 NH2 A 15 -9.01 0.23 -1.78
HN2 NH2 A 15 -8.92 0.58 -3.43
C ACE A 1 9.71 0.08 1.10
O ACE A 1 8.91 -0.68 0.58
CH3 ACE A 1 11.05 0.37 0.44
H1 ACE A 1 11.21 1.44 0.40
H2 ACE A 1 11.04 -0.02 -0.57
H3 ACE A 1 11.84 -0.10 0.99
N LEU A 2 9.46 0.68 2.23
CA LEU A 2 8.17 0.44 2.97
C LEU A 2 6.96 0.92 2.17
N ARG A 3 7.24 1.60 1.11
CA ARG A 3 6.12 2.11 0.27
C ARG A 3 5.53 0.87 -0.35
N HIS A 4 6.39 -0.09 -0.61
CA HIS A 4 5.87 -1.34 -1.22
C HIS A 4 4.91 -2.05 -0.26
N TYR A 5 4.82 -1.52 0.95
CA TYR A 5 3.93 -2.10 1.99
C TYR A 5 2.91 -1.10 2.55
N LEU A 6 3.23 0.15 2.50
CA LEU A 6 2.37 1.24 3.00
C LEU A 6 1.51 1.70 1.85
N ASN A 7 2.14 1.69 0.71
CA ASN A 7 1.43 2.13 -0.50
C ASN A 7 0.75 0.98 -1.18
N LEU A 8 1.39 -0.15 -1.19
CA LEU A 8 0.76 -1.31 -1.85
C LEU A 8 -0.54 -1.59 -1.08
N LEU A 9 -0.48 -1.27 0.19
CA LEU A 9 -1.67 -1.48 1.08
C LEU A 9 -2.75 -0.46 0.80
N THR A 10 -2.37 0.64 0.22
CA THR A 10 -3.41 1.67 -0.07
C THR A 10 -3.94 1.26 -1.45
N ARG A 11 -3.03 0.82 -2.30
CA ARG A 11 -3.40 0.39 -3.66
C ARG A 11 -4.31 -0.84 -3.54
N GLN A 12 -4.28 -1.47 -2.39
CA GLN A 12 -5.12 -2.67 -2.16
C GLN A 12 -6.29 -2.41 -1.21
N ARG A 13 -6.11 -1.59 -0.21
CA ARG A 13 -7.23 -1.33 0.73
C ARG A 13 -7.94 0.00 0.44
N TYR A 14 -7.24 0.98 -0.08
CA TYR A 14 -7.85 2.28 -0.40
C TYR A 14 -8.13 2.25 -1.91
N NH2 A 15 -8.26 1.07 -2.45
HN1 NH2 A 15 -8.17 0.27 -1.89
HN2 NH2 A 15 -8.44 0.98 -3.40
C ACE A 1 9.67 0.32 1.62
O ACE A 1 8.95 -0.33 0.90
CH3 ACE A 1 11.10 0.64 1.19
H1 ACE A 1 11.79 0.21 1.90
H2 ACE A 1 11.24 1.71 1.15
H3 ACE A 1 11.29 0.21 0.22
N LEU A 2 9.29 0.78 2.78
CA LEU A 2 7.93 0.55 3.34
C LEU A 2 6.82 0.95 2.39
N ARG A 3 7.22 1.67 1.39
CA ARG A 3 6.23 2.12 0.38
C ARG A 3 5.83 0.85 -0.29
N HIS A 4 6.80 0.03 -0.58
CA HIS A 4 6.53 -1.27 -1.24
C HIS A 4 5.29 -1.97 -0.63
N TYR A 5 5.11 -1.71 0.64
CA TYR A 5 3.98 -2.31 1.39
C TYR A 5 2.89 -1.33 1.85
N LEU A 6 3.19 -0.07 2.02
CA LEU A 6 2.18 0.92 2.47
C LEU A 6 1.49 1.38 1.22
N ASN A 7 2.30 1.51 0.23
CA ASN A 7 1.79 1.95 -1.09
C ASN A 7 0.91 0.81 -1.59
N LEU A 8 1.41 -0.38 -1.40
CA LEU A 8 0.67 -1.58 -1.83
C LEU A 8 -0.57 -1.70 -0.92
N LEU A 9 -0.47 -1.13 0.25
CA LEU A 9 -1.64 -1.21 1.19
C LEU A 9 -2.70 -0.21 0.81
N THR A 10 -2.31 0.93 0.35
CA THR A 10 -3.38 1.89 -0.01
C THR A 10 -3.94 1.43 -1.37
N ARG A 11 -3.16 0.75 -2.18
CA ARG A 11 -3.72 0.31 -3.49
C ARG A 11 -4.57 -0.96 -3.34
N GLN A 12 -4.50 -1.56 -2.17
CA GLN A 12 -5.29 -2.79 -1.91
C GLN A 12 -6.42 -2.45 -0.90
N ARG A 13 -6.18 -1.48 -0.06
CA ARG A 13 -7.21 -1.09 0.94
C ARG A 13 -7.99 0.16 0.52
N TYR A 14 -7.36 1.17 -0.01
CA TYR A 14 -8.13 2.38 -0.42
C TYR A 14 -8.55 2.13 -1.87
N NH2 A 15 -9.13 0.98 -2.11
HN1 NH2 A 15 -9.25 0.35 -1.37
HN2 NH2 A 15 -9.41 0.77 -3.02
C ACE A 1 9.75 0.22 1.45
O ACE A 1 8.99 -0.43 0.76
CH3 ACE A 1 11.16 0.56 0.94
H1 ACE A 1 11.29 0.14 -0.05
H2 ACE A 1 11.89 0.13 1.60
H3 ACE A 1 11.28 1.63 0.89
N LEU A 2 9.43 0.67 2.63
CA LEU A 2 8.09 0.40 3.25
C LEU A 2 6.92 0.81 2.37
N ARG A 3 7.28 1.56 1.37
CA ARG A 3 6.26 2.04 0.41
C ARG A 3 5.78 0.77 -0.24
N HIS A 4 6.69 -0.10 -0.54
CA HIS A 4 6.30 -1.39 -1.18
C HIS A 4 5.06 -2.04 -0.50
N TYR A 5 4.95 -1.77 0.77
CA TYR A 5 3.82 -2.31 1.58
C TYR A 5 2.81 -1.28 2.05
N LEU A 6 3.17 -0.02 2.09
CA LEU A 6 2.23 1.05 2.55
C LEU A 6 1.52 1.57 1.31
N ASN A 7 2.32 1.62 0.29
CA ASN A 7 1.85 2.11 -1.03
C ASN A 7 0.95 1.03 -1.58
N LEU A 8 1.37 -0.18 -1.39
CA LEU A 8 0.55 -1.30 -1.91
C LEU A 8 -0.65 -1.44 -0.95
N LEU A 9 -0.50 -0.94 0.24
CA LEU A 9 -1.63 -1.06 1.21
C LEU A 9 -2.73 -0.12 0.80
N THR A 10 -2.37 1.05 0.37
CA THR A 10 -3.48 1.95 -0.05
C THR A 10 -4.00 1.42 -1.40
N ARG A 11 -3.11 0.85 -2.18
CA ARG A 11 -3.56 0.31 -3.50
C ARG A 11 -4.45 -0.91 -3.32
N GLN A 12 -4.27 -1.62 -2.23
CA GLN A 12 -5.10 -2.82 -1.98
C GLN A 12 -6.25 -2.55 -0.99
N ARG A 13 -6.04 -1.56 -0.15
CA ARG A 13 -7.08 -1.21 0.85
C ARG A 13 -7.95 0.00 0.49
N TYR A 14 -7.40 1.04 -0.07
CA TYR A 14 -8.27 2.19 -0.42
C TYR A 14 -8.89 1.83 -1.76
N NH2 A 15 -8.33 0.89 -2.46
HN1 NH2 A 15 -7.53 0.45 -2.10
HN2 NH2 A 15 -8.71 0.62 -3.31
C ACE A 1 9.76 0.28 1.35
O ACE A 1 9.03 -0.46 0.73
CH3 ACE A 1 11.12 0.68 0.80
H1 ACE A 1 11.21 1.76 0.78
H2 ACE A 1 11.22 0.30 -0.21
H3 ACE A 1 11.90 0.26 1.40
N LEU A 2 9.43 0.76 2.52
CA LEU A 2 8.14 0.44 3.17
C LEU A 2 6.93 0.85 2.33
N ARG A 3 7.22 1.63 1.34
CA ARG A 3 6.13 2.10 0.43
C ARG A 3 5.68 0.87 -0.29
N HIS A 4 6.61 0.01 -0.56
CA HIS A 4 6.25 -1.24 -1.27
C HIS A 4 5.11 -1.98 -0.56
N TYR A 5 4.98 -1.68 0.71
CA TYR A 5 3.93 -2.33 1.55
C TYR A 5 2.91 -1.35 2.14
N LEU A 6 3.24 -0.10 2.17
CA LEU A 6 2.33 0.94 2.72
C LEU A 6 1.52 1.43 1.55
N ASN A 7 2.21 1.54 0.46
CA ASN A 7 1.54 2.03 -0.77
C ASN A 7 0.74 0.87 -1.33
N LEU A 8 1.32 -0.29 -1.29
CA LEU A 8 0.58 -1.48 -1.83
C LEU A 8 -0.67 -1.59 -0.95
N LEU A 9 -0.53 -1.15 0.27
CA LEU A 9 -1.67 -1.20 1.23
C LEU A 9 -2.69 -0.20 0.78
N THR A 10 -2.28 0.97 0.35
CA THR A 10 -3.34 1.93 -0.09
C THR A 10 -3.90 1.42 -1.43
N ARG A 11 -3.07 0.80 -2.22
CA ARG A 11 -3.54 0.28 -3.53
C ARG A 11 -4.43 -0.95 -3.32
N GLN A 12 -4.32 -1.59 -2.19
CA GLN A 12 -5.15 -2.80 -1.92
C GLN A 12 -6.31 -2.48 -0.98
N ARG A 13 -6.11 -1.50 -0.15
CA ARG A 13 -7.15 -1.10 0.82
C ARG A 13 -7.94 0.14 0.38
N TYR A 14 -7.30 1.15 -0.16
CA TYR A 14 -8.09 2.34 -0.58
C TYR A 14 -8.61 2.03 -1.98
N NH2 A 15 -9.41 1.00 -2.09
HN1 NH2 A 15 -9.64 0.49 -1.28
HN2 NH2 A 15 -9.76 0.75 -2.96
C ACE A 1 9.79 0.09 1.45
O ACE A 1 9.05 -0.52 0.71
CH3 ACE A 1 11.20 0.46 1.01
H1 ACE A 1 11.35 0.12 -0.02
H2 ACE A 1 11.92 -0.04 1.64
H3 ACE A 1 11.34 1.53 1.06
N LEU A 2 9.44 0.48 2.65
CA LEU A 2 8.08 0.18 3.22
C LEU A 2 6.95 0.67 2.35
N ARG A 3 7.33 1.48 1.41
CA ARG A 3 6.32 2.04 0.48
C ARG A 3 5.84 0.82 -0.26
N HIS A 4 6.74 -0.05 -0.58
CA HIS A 4 6.35 -1.29 -1.31
C HIS A 4 5.07 -1.94 -0.69
N TYR A 5 4.91 -1.69 0.58
CA TYR A 5 3.75 -2.24 1.33
C TYR A 5 2.72 -1.20 1.81
N LEU A 6 3.14 -0.01 2.10
CA LEU A 6 2.23 1.06 2.58
C LEU A 6 1.56 1.63 1.36
N ASN A 7 2.39 1.69 0.35
CA ASN A 7 1.91 2.24 -0.93
C ASN A 7 1.00 1.17 -1.51
N LEU A 8 1.34 -0.05 -1.27
CA LEU A 8 0.49 -1.15 -1.80
C LEU A 8 -0.69 -1.30 -0.85
N LEU A 9 -0.55 -0.81 0.35
CA LEU A 9 -1.68 -0.94 1.33
C LEU A 9 -2.78 -0.04 0.85
N THR A 10 -2.43 1.15 0.44
CA THR A 10 -3.55 2.03 -0.02
C THR A 10 -4.03 1.45 -1.36
N ARG A 11 -3.16 0.79 -2.07
CA ARG A 11 -3.59 0.21 -3.39
C ARG A 11 -4.48 -1.00 -3.21
N GLN A 12 -4.28 -1.73 -2.16
CA GLN A 12 -5.12 -2.93 -1.91
C GLN A 12 -6.24 -2.63 -0.90
N ARG A 13 -6.04 -1.59 -0.13
CA ARG A 13 -7.08 -1.22 0.88
C ARG A 13 -7.97 -0.06 0.43
N TYR A 14 -7.42 0.94 -0.21
CA TYR A 14 -8.29 2.05 -0.65
C TYR A 14 -8.68 1.69 -2.08
N NH2 A 15 -8.32 0.51 -2.52
HN1 NH2 A 15 -7.81 -0.09 -1.94
HN2 NH2 A 15 -8.55 0.22 -3.42
C ACE A 1 9.66 -0.26 1.44
O ACE A 1 8.83 -0.94 0.87
CH3 ACE A 1 11.05 -0.05 0.85
H1 ACE A 1 11.29 1.00 0.82
H2 ACE A 1 11.07 -0.46 -0.15
H3 ACE A 1 11.78 -0.57 1.46
N LEU A 2 9.40 0.35 2.56
CA LEU A 2 8.06 0.22 3.23
C LEU A 2 6.94 0.80 2.39
N ARG A 3 7.32 1.47 1.36
CA ARG A 3 6.31 2.08 0.45
C ARG A 3 5.68 0.90 -0.25
N HIS A 4 6.47 -0.13 -0.43
CA HIS A 4 5.94 -1.32 -1.11
C HIS A 4 4.87 -1.98 -0.23
N TYR A 5 4.71 -1.44 0.96
CA TYR A 5 3.71 -1.95 1.94
C TYR A 5 2.74 -0.88 2.44
N LEU A 6 3.16 0.35 2.41
CA LEU A 6 2.31 1.47 2.87
C LEU A 6 1.58 1.96 1.65
N ASN A 7 2.29 1.94 0.55
CA ASN A 7 1.70 2.39 -0.72
C ASN A 7 1.03 1.26 -1.48
N LEU A 8 1.68 0.12 -1.52
CA LEU A 8 1.07 -1.02 -2.26
C LEU A 8 -0.23 -1.42 -1.55
N LEU A 9 -0.26 -1.07 -0.30
CA LEU A 9 -1.44 -1.39 0.53
C LEU A 9 -2.53 -0.37 0.31
N THR A 10 -2.22 0.81 -0.14
CA THR A 10 -3.36 1.75 -0.32
C THR A 10 -4.09 1.23 -1.58
N ARG A 11 -3.29 0.69 -2.48
CA ARG A 11 -3.85 0.15 -3.75
C ARG A 11 -4.76 -1.05 -3.50
N GLN A 12 -4.54 -1.68 -2.38
CA GLN A 12 -5.35 -2.88 -2.02
C GLN A 12 -6.35 -2.60 -0.88
N ARG A 13 -6.04 -1.64 -0.05
CA ARG A 13 -6.92 -1.28 1.11
C ARG A 13 -7.79 -0.05 0.85
N TYR A 14 -7.26 0.96 0.19
CA TYR A 14 -8.07 2.17 -0.07
C TYR A 14 -8.77 1.84 -1.41
N NH2 A 15 -8.32 0.82 -2.08
HN1 NH2 A 15 -7.56 0.31 -1.72
HN2 NH2 A 15 -8.74 0.56 -2.91
C ACE A 1 9.73 0.00 1.12
O ACE A 1 8.91 -0.70 0.55
CH3 ACE A 1 11.09 0.26 0.51
H1 ACE A 1 11.27 1.33 0.46
H2 ACE A 1 11.11 -0.14 -0.50
H3 ACE A 1 11.85 -0.22 1.10
N LEU A 2 9.47 0.57 2.27
CA LEU A 2 8.16 0.37 2.98
C LEU A 2 6.98 0.86 2.17
N ARG A 3 7.30 1.53 1.11
CA ARG A 3 6.21 2.06 0.24
C ARG A 3 5.63 0.84 -0.41
N HIS A 4 6.46 -0.12 -0.71
CA HIS A 4 5.90 -1.34 -1.34
C HIS A 4 4.89 -2.05 -0.44
N TYR A 5 4.81 -1.62 0.78
CA TYR A 5 3.85 -2.24 1.74
C TYR A 5 2.86 -1.24 2.34
N LEU A 6 3.23 0.01 2.41
CA LEU A 6 2.35 1.06 2.98
C LEU A 6 1.55 1.62 1.83
N ASN A 7 2.21 1.68 0.71
CA ASN A 7 1.51 2.23 -0.47
C ASN A 7 0.73 1.10 -1.09
N LEU A 8 1.30 -0.07 -1.09
CA LEU A 8 0.58 -1.22 -1.68
C LEU A 8 -0.67 -1.39 -0.83
N LEU A 9 -0.56 -0.98 0.40
CA LEU A 9 -1.71 -1.08 1.35
C LEU A 9 -2.78 -0.13 0.89
N THR A 10 -2.40 1.02 0.42
CA THR A 10 -3.46 1.96 -0.03
C THR A 10 -3.92 1.49 -1.42
N ARG A 11 -3.02 0.92 -2.19
CA ARG A 11 -3.42 0.44 -3.54
C ARG A 11 -4.25 -0.84 -3.39
N GLN A 12 -4.12 -1.55 -2.29
CA GLN A 12 -4.91 -2.79 -2.10
C GLN A 12 -6.08 -2.58 -1.12
N ARG A 13 -5.95 -1.59 -0.28
CA ARG A 13 -7.04 -1.30 0.71
C ARG A 13 -7.90 -0.14 0.24
N TYR A 14 -7.33 0.93 -0.26
CA TYR A 14 -8.18 2.05 -0.71
C TYR A 14 -8.56 1.71 -2.15
N NH2 A 15 -9.17 0.58 -2.35
HN1 NH2 A 15 -9.38 0.02 -1.56
HN2 NH2 A 15 -9.41 0.31 -3.25
C ACE A 1 9.73 0.33 1.40
O ACE A 1 9.00 -0.34 0.70
CH3 ACE A 1 11.12 0.74 0.93
H1 ACE A 1 11.87 0.27 1.54
H2 ACE A 1 11.23 1.82 0.98
H3 ACE A 1 11.25 0.41 -0.10
N LEU A 2 9.38 0.75 2.59
CA LEU A 2 8.05 0.40 3.20
C LEU A 2 6.88 0.83 2.33
N ARG A 3 7.21 1.62 1.36
CA ARG A 3 6.15 2.12 0.44
C ARG A 3 5.72 0.88 -0.29
N HIS A 4 6.66 0.04 -0.61
CA HIS A 4 6.33 -1.21 -1.33
C HIS A 4 5.14 -1.95 -0.66
N TYR A 5 4.98 -1.69 0.61
CA TYR A 5 3.89 -2.33 1.40
C TYR A 5 2.82 -1.37 1.90
N LEU A 6 3.15 -0.14 2.15
CA LEU A 6 2.16 0.86 2.65
C LEU A 6 1.46 1.42 1.46
N ASN A 7 2.23 1.53 0.42
CA ASN A 7 1.65 2.07 -0.82
C ASN A 7 0.79 0.94 -1.37
N LEU A 8 1.33 -0.24 -1.31
CA LEU A 8 0.57 -1.41 -1.82
C LEU A 8 -0.66 -1.53 -0.93
N LEU A 9 -0.51 -1.11 0.30
CA LEU A 9 -1.66 -1.19 1.24
C LEU A 9 -2.69 -0.18 0.81
N THR A 10 -2.26 0.97 0.39
CA THR A 10 -3.33 1.94 -0.04
C THR A 10 -3.89 1.40 -1.36
N ARG A 11 -3.08 0.72 -2.13
CA ARG A 11 -3.59 0.19 -3.43
C ARG A 11 -4.49 -1.03 -3.18
N GLN A 12 -4.31 -1.71 -2.08
CA GLN A 12 -5.18 -2.91 -1.82
C GLN A 12 -6.38 -2.53 -0.95
N ARG A 13 -6.17 -1.55 -0.10
CA ARG A 13 -7.24 -1.10 0.81
C ARG A 13 -7.94 0.18 0.32
N TYR A 14 -7.24 1.18 -0.15
CA TYR A 14 -7.93 2.40 -0.61
C TYR A 14 -8.29 2.13 -2.08
N NH2 A 15 -8.90 1.02 -2.34
HN1 NH2 A 15 -9.12 0.40 -1.61
HN2 NH2 A 15 -9.13 0.80 -3.27
C ACE A 1 9.45 -0.22 1.52
O ACE A 1 8.52 -0.86 1.04
CH3 ACE A 1 10.82 -0.24 0.88
H1 ACE A 1 11.08 0.74 0.53
H2 ACE A 1 10.82 -0.93 0.05
H3 ACE A 1 11.55 -0.58 1.61
N LEU A 2 9.31 0.52 2.58
CA LEU A 2 8.00 0.63 3.30
C LEU A 2 6.87 1.03 2.39
N ARG A 3 7.27 1.61 1.31
CA ARG A 3 6.24 2.07 0.33
C ARG A 3 5.76 0.78 -0.30
N HIS A 4 6.67 -0.12 -0.58
CA HIS A 4 6.27 -1.40 -1.20
C HIS A 4 5.07 -2.00 -0.47
N TYR A 5 4.93 -1.64 0.79
CA TYR A 5 3.79 -2.16 1.60
C TYR A 5 2.82 -1.06 2.06
N LEU A 6 3.22 0.17 2.13
CA LEU A 6 2.29 1.24 2.59
C LEU A 6 1.56 1.71 1.36
N ASN A 7 2.35 1.77 0.33
CA ASN A 7 1.86 2.22 -0.99
C ASN A 7 1.02 1.09 -1.58
N LEU A 8 1.51 -0.10 -1.39
CA LEU A 8 0.77 -1.29 -1.92
C LEU A 8 -0.47 -1.49 -1.05
N LEU A 9 -0.43 -0.95 0.13
CA LEU A 9 -1.59 -1.12 1.05
C LEU A 9 -2.67 -0.15 0.66
N THR A 10 -2.36 1.09 0.44
CA THR A 10 -3.49 1.98 0.06
C THR A 10 -4.03 1.49 -1.30
N ARG A 11 -3.16 0.92 -2.07
CA ARG A 11 -3.56 0.42 -3.41
C ARG A 11 -4.42 -0.85 -3.34
N GLN A 12 -4.30 -1.56 -2.25
CA GLN A 12 -5.10 -2.81 -2.07
C GLN A 12 -6.22 -2.62 -1.03
N ARG A 13 -6.04 -1.65 -0.19
CA ARG A 13 -7.05 -1.35 0.87
C ARG A 13 -7.94 -0.16 0.52
N TYR A 14 -7.40 0.90 -0.01
CA TYR A 14 -8.28 2.04 -0.36
C TYR A 14 -8.79 1.71 -1.77
N NH2 A 15 -8.29 0.67 -2.37
HN1 NH2 A 15 -7.60 0.14 -1.92
HN2 NH2 A 15 -8.60 0.43 -3.26
C ACE A 1 9.54 0.74 1.00
O ACE A 1 8.84 -0.11 0.50
CH3 ACE A 1 10.84 1.19 0.36
H1 ACE A 1 10.71 2.16 -0.09
H2 ACE A 1 11.11 0.47 -0.42
H3 ACE A 1 11.62 1.22 1.10
N LEU A 2 9.20 1.35 2.12
CA LEU A 2 7.96 1.02 2.87
C LEU A 2 6.72 1.14 2.00
N ARG A 3 6.93 1.70 0.86
CA ARG A 3 5.82 1.89 -0.11
C ARG A 3 5.39 0.46 -0.42
N HIS A 4 6.39 -0.32 -0.64
CA HIS A 4 6.17 -1.75 -0.96
C HIS A 4 5.12 -2.40 -0.04
N TYR A 5 4.94 -1.82 1.12
CA TYR A 5 3.96 -2.37 2.09
C TYR A 5 2.85 -1.42 2.54
N LEU A 6 3.12 -0.16 2.54
CA LEU A 6 2.16 0.88 2.96
C LEU A 6 1.43 1.31 1.71
N ASN A 7 2.19 1.35 0.66
CA ASN A 7 1.60 1.76 -0.62
C ASN A 7 0.91 0.57 -1.23
N LEU A 8 1.54 -0.56 -1.12
CA LEU A 8 0.93 -1.80 -1.68
C LEU A 8 -0.42 -1.96 -0.96
N LEU A 9 -0.46 -1.42 0.23
CA LEU A 9 -1.67 -1.48 1.07
C LEU A 9 -2.65 -0.39 0.74
N THR A 10 -2.19 0.81 0.56
CA THR A 10 -3.19 1.85 0.24
C THR A 10 -3.71 1.59 -1.19
N ARG A 11 -2.89 1.00 -2.02
CA ARG A 11 -3.36 0.72 -3.42
C ARG A 11 -4.21 -0.54 -3.51
N GLN A 12 -4.29 -1.27 -2.42
CA GLN A 12 -5.12 -2.51 -2.40
C GLN A 12 -6.29 -2.31 -1.41
N ARG A 13 -6.07 -1.45 -0.45
CA ARG A 13 -7.12 -1.16 0.57
C ARG A 13 -7.88 0.14 0.28
N TYR A 14 -7.21 1.22 -0.07
CA TYR A 14 -7.98 2.48 -0.35
C TYR A 14 -8.47 2.35 -1.79
N NH2 A 15 -9.21 1.33 -2.09
HN1 NH2 A 15 -9.44 0.68 -1.39
HN2 NH2 A 15 -9.53 1.22 -3.01
C ACE A 1 9.47 -0.02 1.35
O ACE A 1 8.60 -0.71 0.89
CH3 ACE A 1 10.84 0.02 0.69
H1 ACE A 1 11.46 0.79 1.14
H2 ACE A 1 10.73 0.22 -0.36
H3 ACE A 1 11.33 -0.93 0.82
N LEU A 2 9.29 0.74 2.40
CA LEU A 2 7.99 0.77 3.12
C LEU A 2 6.83 1.15 2.23
N ARG A 3 7.20 1.61 1.08
CA ARG A 3 6.17 2.01 0.11
C ARG A 3 5.66 0.70 -0.41
N HIS A 4 6.56 -0.17 -0.77
CA HIS A 4 6.13 -1.49 -1.29
C HIS A 4 4.98 -2.11 -0.49
N TYR A 5 4.95 -1.79 0.78
CA TYR A 5 3.89 -2.33 1.68
C TYR A 5 2.86 -1.34 2.18
N LEU A 6 3.20 -0.10 2.36
CA LEU A 6 2.24 0.91 2.85
C LEU A 6 1.58 1.54 1.66
N ASN A 7 2.39 1.66 0.66
CA ASN A 7 1.91 2.27 -0.60
C ASN A 7 1.08 1.28 -1.37
N LEU A 8 1.36 0.04 -1.13
CA LEU A 8 0.61 -1.02 -1.80
C LEU A 8 -0.63 -1.24 -0.91
N LEU A 9 -0.49 -0.90 0.34
CA LEU A 9 -1.65 -1.07 1.29
C LEU A 9 -2.74 -0.15 0.85
N THR A 10 -2.38 1.02 0.43
CA THR A 10 -3.46 1.96 -0.01
C THR A 10 -3.96 1.45 -1.38
N ARG A 11 -3.08 0.85 -2.14
CA ARG A 11 -3.49 0.35 -3.48
C ARG A 11 -4.32 -0.93 -3.34
N GLN A 12 -4.19 -1.62 -2.23
CA GLN A 12 -4.98 -2.87 -2.04
C GLN A 12 -6.18 -2.61 -1.13
N ARG A 13 -6.04 -1.67 -0.23
CA ARG A 13 -7.15 -1.35 0.70
C ARG A 13 -7.94 -0.10 0.32
N TYR A 14 -7.31 0.94 -0.16
CA TYR A 14 -8.10 2.14 -0.54
C TYR A 14 -8.56 1.92 -1.98
N NH2 A 15 -8.19 0.83 -2.58
HN1 NH2 A 15 -7.62 0.19 -2.11
HN2 NH2 A 15 -8.47 0.65 -3.50
C ACE A 1 9.67 0.40 1.38
O ACE A 1 8.93 -0.42 0.86
CH3 ACE A 1 11.02 0.73 0.76
H1 ACE A 1 11.80 0.40 1.43
H2 ACE A 1 11.10 1.80 0.61
H3 ACE A 1 11.12 0.22 -0.17
N LEU A 2 9.33 1.05 2.46
CA LEU A 2 8.03 0.80 3.15
C LEU A 2 6.83 1.07 2.25
N ARG A 3 7.15 1.61 1.11
CA ARG A 3 6.12 1.93 0.11
C ARG A 3 5.63 0.55 -0.31
N HIS A 4 6.58 -0.32 -0.50
CA HIS A 4 6.24 -1.71 -0.92
C HIS A 4 5.11 -2.31 -0.06
N TYR A 5 4.91 -1.74 1.09
CA TYR A 5 3.84 -2.24 2.01
C TYR A 5 2.75 -1.24 2.33
N LEU A 6 3.10 0.01 2.44
CA LEU A 6 2.10 1.06 2.77
C LEU A 6 1.54 1.57 1.48
N ASN A 7 2.41 1.58 0.51
CA ASN A 7 1.96 2.08 -0.82
C ASN A 7 1.23 0.98 -1.55
N LEU A 8 1.72 -0.22 -1.38
CA LEU A 8 1.07 -1.38 -2.05
C LEU A 8 -0.26 -1.65 -1.32
N LEU A 9 -0.34 -1.20 -0.08
CA LEU A 9 -1.59 -1.42 0.72
C LEU A 9 -2.61 -0.35 0.43
N THR A 10 -2.23 0.88 0.25
CA THR A 10 -3.32 1.87 -0.01
C THR A 10 -4.02 1.45 -1.33
N ARG A 11 -3.25 0.85 -2.20
CA ARG A 11 -3.81 0.40 -3.50
C ARG A 11 -4.83 -0.73 -3.40
N GLN A 12 -4.57 -1.59 -2.46
CA GLN A 12 -5.47 -2.76 -2.25
C GLN A 12 -6.47 -2.50 -1.14
N ARG A 13 -6.14 -1.54 -0.31
CA ARG A 13 -7.02 -1.17 0.83
C ARG A 13 -7.86 0.07 0.59
N TYR A 14 -7.26 1.14 0.15
CA TYR A 14 -8.07 2.36 -0.09
C TYR A 14 -8.67 2.09 -1.48
N NH2 A 15 -8.06 1.23 -2.23
HN1 NH2 A 15 -7.25 0.79 -1.91
HN2 NH2 A 15 -8.42 1.00 -3.11
C ACE A 1 9.81 0.34 1.43
O ACE A 1 9.07 -0.32 0.74
CH3 ACE A 1 11.17 0.80 0.90
H1 ACE A 1 11.24 1.88 0.94
H2 ACE A 1 11.29 0.46 -0.12
H3 ACE A 1 11.95 0.36 1.50
N LEU A 2 9.50 0.72 2.64
CA LEU A 2 8.20 0.35 3.28
C LEU A 2 7.00 0.78 2.46
N ARG A 3 7.29 1.62 1.52
CA ARG A 3 6.22 2.14 0.62
C ARG A 3 5.79 0.91 -0.15
N HIS A 4 6.75 0.10 -0.51
CA HIS A 4 6.40 -1.12 -1.27
C HIS A 4 5.21 -1.88 -0.62
N TYR A 5 5.10 -1.71 0.67
CA TYR A 5 4.02 -2.38 1.46
C TYR A 5 2.94 -1.43 2.01
N LEU A 6 3.25 -0.19 2.18
CA LEU A 6 2.27 0.79 2.71
C LEU A 6 1.57 1.38 1.51
N ASN A 7 2.37 1.56 0.50
CA ASN A 7 1.84 2.14 -0.74
C ASN A 7 1.01 1.06 -1.39
N LEU A 8 1.50 -0.15 -1.34
CA LEU A 8 0.72 -1.25 -1.96
C LEU A 8 -0.57 -1.40 -1.12
N LEU A 9 -0.45 -1.04 0.13
CA LEU A 9 -1.63 -1.15 1.04
C LEU A 9 -2.70 -0.19 0.60
N THR A 10 -2.29 0.93 0.08
CA THR A 10 -3.34 1.89 -0.35
C THR A 10 -3.92 1.35 -1.67
N ARG A 11 -3.20 0.46 -2.31
CA ARG A 11 -3.74 -0.08 -3.59
C ARG A 11 -4.80 -1.14 -3.31
N GLN A 12 -4.71 -1.82 -2.19
CA GLN A 12 -5.71 -2.87 -1.86
C GLN A 12 -6.73 -2.37 -0.84
N ARG A 13 -6.33 -1.51 0.06
CA ARG A 13 -7.31 -1.01 1.06
C ARG A 13 -8.03 0.25 0.56
N TYR A 14 -7.33 1.18 -0.06
CA TYR A 14 -8.03 2.39 -0.57
C TYR A 14 -8.60 2.01 -1.93
N NH2 A 15 -8.35 0.81 -2.39
HN1 NH2 A 15 -7.82 0.18 -1.87
HN2 NH2 A 15 -8.71 0.54 -3.26
C ACE A 1 9.62 -0.09 1.08
O ACE A 1 8.76 -0.74 0.55
CH3 ACE A 1 10.96 0.17 0.39
H1 ACE A 1 11.76 0.12 1.11
H2 ACE A 1 10.93 1.14 -0.08
H3 ACE A 1 11.11 -0.60 -0.36
N LEU A 2 9.46 0.44 2.27
CA LEU A 2 8.19 0.25 3.03
C LEU A 2 6.97 0.76 2.28
N ARG A 3 7.27 1.47 1.24
CA ARG A 3 6.18 2.04 0.40
C ARG A 3 5.59 0.78 -0.20
N HIS A 4 6.45 -0.11 -0.60
CA HIS A 4 5.97 -1.38 -1.21
C HIS A 4 4.89 -2.03 -0.33
N TYR A 5 4.83 -1.61 0.91
CA TYR A 5 3.83 -2.17 1.84
C TYR A 5 2.82 -1.15 2.32
N LEU A 6 3.16 0.11 2.34
CA LEU A 6 2.21 1.17 2.79
C LEU A 6 1.46 1.69 1.58
N ASN A 7 2.26 1.80 0.57
CA ASN A 7 1.82 2.30 -0.74
C ASN A 7 1.02 1.25 -1.46
N LEU A 8 1.38 0.02 -1.20
CA LEU A 8 0.64 -1.08 -1.87
C LEU A 8 -0.58 -1.33 -0.98
N LEU A 9 -0.50 -0.87 0.26
CA LEU A 9 -1.64 -1.06 1.21
C LEU A 9 -2.71 -0.12 0.78
N THR A 10 -2.37 1.11 0.55
CA THR A 10 -3.42 2.06 0.12
C THR A 10 -3.94 1.61 -1.25
N ARG A 11 -3.13 0.89 -1.98
CA ARG A 11 -3.58 0.44 -3.33
C ARG A 11 -4.46 -0.80 -3.24
N GLN A 12 -4.20 -1.66 -2.29
CA GLN A 12 -5.03 -2.89 -2.16
C GLN A 12 -6.13 -2.69 -1.11
N ARG A 13 -5.96 -1.67 -0.32
CA ARG A 13 -6.97 -1.36 0.75
C ARG A 13 -7.90 -0.25 0.29
N TYR A 14 -7.36 0.84 -0.23
CA TYR A 14 -8.24 1.93 -0.69
C TYR A 14 -8.35 1.60 -2.19
N NH2 A 15 -8.70 0.38 -2.47
HN1 NH2 A 15 -8.88 -0.26 -1.74
HN2 NH2 A 15 -8.76 0.10 -3.39
C ACE A 1 9.82 0.18 1.38
O ACE A 1 9.08 -0.62 0.84
CH3 ACE A 1 11.18 0.51 0.79
H1 ACE A 1 11.25 0.06 -0.19
H2 ACE A 1 11.96 0.09 1.42
H3 ACE A 1 11.30 1.57 0.71
N LEU A 2 9.47 0.80 2.48
CA LEU A 2 8.15 0.53 3.14
C LEU A 2 6.97 0.90 2.26
N ARG A 3 7.29 1.59 1.20
CA ARG A 3 6.21 2.02 0.27
C ARG A 3 5.69 0.74 -0.33
N HIS A 4 6.55 -0.23 -0.45
CA HIS A 4 6.09 -1.50 -1.03
C HIS A 4 4.95 -2.11 -0.19
N TYR A 5 4.83 -1.63 1.02
CA TYR A 5 3.75 -2.13 1.95
C TYR A 5 2.80 -1.02 2.40
N LEU A 6 3.22 0.20 2.24
CA LEU A 6 2.39 1.36 2.65
C LEU A 6 1.56 1.73 1.44
N ASN A 7 2.24 1.64 0.33
CA ASN A 7 1.59 1.96 -0.95
C ASN A 7 0.88 0.74 -1.50
N LEU A 8 1.49 -0.41 -1.42
CA LEU A 8 0.81 -1.62 -1.98
C LEU A 8 -0.48 -1.84 -1.21
N LEU A 9 -0.48 -1.28 -0.04
CA LEU A 9 -1.67 -1.41 0.83
C LEU A 9 -2.64 -0.34 0.51
N THR A 10 -2.28 0.91 0.46
CA THR A 10 -3.36 1.88 0.13
C THR A 10 -3.96 1.50 -1.23
N ARG A 11 -3.08 1.00 -2.06
CA ARG A 11 -3.47 0.57 -3.43
C ARG A 11 -4.45 -0.57 -3.42
N GLN A 12 -4.35 -1.37 -2.38
CA GLN A 12 -5.28 -2.54 -2.29
C GLN A 12 -6.28 -2.45 -1.12
N ARG A 13 -6.07 -1.45 -0.30
CA ARG A 13 -6.94 -1.20 0.89
C ARG A 13 -7.91 -0.08 0.54
N TYR A 14 -7.42 1.02 0.04
CA TYR A 14 -8.32 2.12 -0.32
C TYR A 14 -8.92 1.72 -1.67
N NH2 A 15 -8.38 0.72 -2.29
HN1 NH2 A 15 -7.61 0.27 -1.91
HN2 NH2 A 15 -8.74 0.43 -3.16
#